data_3PHO
#
_entry.id   3PHO
#
_cell.length_a   163.360
_cell.length_b   163.360
_cell.length_c   43.040
_cell.angle_alpha   90.00
_cell.angle_beta   90.00
_cell.angle_gamma   120.00
#
_symmetry.space_group_name_H-M   'P 63'
#
loop_
_entity.id
_entity.type
_entity.pdbx_description
1 polymer 'S64-4 Fab (IgG1) light chain'
2 polymer 'S64-4 Fab (IgG1) heavy chain'
3 branched '3-deoxy-alpha-D-manno-oct-2-ulopyranosonic acid-(2-8)-3-deoxy-alpha-D-manno-oct-2-ulopyranosonic acid-(2-4)-3-deoxy-alpha-D-manno-oct-2-ulopyranosonic acid-(2-6)-2-amino-2-deoxy-4-O-phosphono-beta-D-glucopyranose'
4 water water
#
loop_
_entity_poly.entity_id
_entity_poly.type
_entity_poly.pdbx_seq_one_letter_code
_entity_poly.pdbx_strand_id
1 'polypeptide(L)'
;DIVLTQSPASLAVSLGQRATISCRASKSVSSSVNSYMHWYQQKPGQPPKLLIYLASNLESGVPARFSGSGSGTDFTLNIH
PVEEEDAATYYCQHSRELRTFGGGTKLEIKRADAAPTVSIFPPSSEQLTSGGASVVCFLNNFYPKDINVKWKIDGSERQN
GVLNSWTDQDSKDSTYSMSSTLTLTKDEYERHNSYTCEATHKTSTSPVVKSFNRNEC
;
A
2 'polypeptide(L)'
;EVMLVESGGGLVQPGGSLRLSCATSGFTFIDYYMSWVRQPPGKALEWLGFIRNKGNGYTTEYSTSVKGRFTISRDNSQSI
VYLQMNTLRAEDSATYYCARDIGYGNSPFAYWGQGTLVTVSAASITPPSVYPLAPGSAAQTNSMVTLGCLVKGYFPEPVT
VTWNSGSLSSGVHTFPAVLQSDLYTLSSSVTVPSSTWPSETVTCNVAHPASSTKVDKKIVPR
;
B
#
loop_
_chem_comp.id
_chem_comp.type
_chem_comp.name
_chem_comp.formula
KDO D-saccharide, alpha linking '3-deoxy-alpha-D-manno-oct-2-ulopyranosonic acid' 'C8 H14 O8'
Z9M D-saccharide, beta linking 2-amino-2-deoxy-4-O-phosphono-beta-D-glucopyranose 'C6 H14 N O8 P'
#
# COMPACT_ATOMS: atom_id res chain seq x y z
N ILE A 2 24.78 6.02 12.89
CA ILE A 2 24.05 7.21 12.32
C ILE A 2 22.56 6.98 12.04
N VAL A 3 21.73 7.84 12.62
CA VAL A 3 20.29 7.72 12.53
C VAL A 3 19.70 9.02 11.97
N LEU A 4 18.72 8.90 11.07
CA LEU A 4 18.01 10.11 10.60
C LEU A 4 16.64 10.19 11.24
N THR A 5 16.37 11.35 11.84
CA THR A 5 15.13 11.63 12.52
C THR A 5 14.24 12.60 11.72
N GLN A 6 13.00 12.19 11.44
CA GLN A 6 12.05 13.07 10.75
C GLN A 6 11.06 13.80 11.68
N SER A 7 10.97 15.11 11.45
CA SER A 7 10.17 16.11 12.18
C SER A 7 8.85 15.64 12.75
N PRO A 8 7.69 16.12 12.18
CA PRO A 8 6.45 15.69 12.84
C PRO A 8 6.02 14.25 12.63
N ALA A 9 6.54 13.53 11.65
CA ALA A 9 6.05 12.14 11.43
C ALA A 9 4.73 12.09 10.66
N SER A 10 3.92 13.13 10.83
CA SER A 10 2.62 13.26 10.20
C SER A 10 2.36 14.74 10.10
N LEU A 11 1.80 15.19 8.99
CA LEU A 11 1.63 16.64 8.78
C LEU A 11 0.44 16.90 7.86
N ALA A 12 -0.35 17.90 8.23
CA ALA A 12 -1.50 18.28 7.43
C ALA A 12 -1.31 19.68 6.88
N VAL A 13 -1.52 19.83 5.58
CA VAL A 13 -1.35 21.13 4.93
C VAL A 13 -2.46 21.35 3.90
N SER A 14 -3.09 22.51 3.97
CA SER A 14 -4.15 22.82 3.00
C SER A 14 -3.61 23.08 1.60
N LEU A 15 -4.47 22.84 0.61
CA LEU A 15 -4.14 22.95 -0.79
C LEU A 15 -3.60 24.33 -1.11
N GLY A 16 -2.53 24.38 -1.90
CA GLY A 16 -1.93 25.65 -2.29
C GLY A 16 -0.83 26.16 -1.38
N GLN A 17 -0.79 25.66 -0.12
CA GLN A 17 0.13 26.16 0.90
CA GLN A 17 0.14 26.17 0.88
C GLN A 17 1.48 25.41 0.93
N ARG A 18 2.40 25.91 1.77
CA ARG A 18 3.77 25.36 1.93
C ARG A 18 3.77 24.22 2.95
N ALA A 19 4.28 23.06 2.53
CA ALA A 19 4.65 21.98 3.43
C ALA A 19 6.18 21.93 3.63
N THR A 20 6.59 21.74 4.88
CA THR A 20 8.01 21.72 5.25
C THR A 20 8.32 20.48 6.11
N ILE A 21 9.10 19.57 5.56
CA ILE A 21 9.46 18.35 6.29
C ILE A 21 10.92 18.38 6.71
N SER A 22 11.18 18.28 8.01
CA SER A 22 12.54 18.30 8.50
C SER A 22 13.15 16.91 8.51
N CYS A 23 14.47 16.88 8.39
CA CYS A 23 15.24 15.68 8.59
C CYS A 23 16.50 16.10 9.34
N ARG A 24 16.75 15.43 10.45
CA ARG A 24 17.96 15.66 11.24
C ARG A 24 18.81 14.39 11.26
N ALA A 25 20.08 14.52 10.91
CA ALA A 25 20.99 13.38 11.00
C ALA A 25 21.73 13.37 12.34
N SER A 26 21.98 12.18 12.90
CA SER A 26 22.62 12.08 14.21
C SER A 26 24.09 12.50 14.17
N LYS A 27 24.68 12.45 12.98
CA LYS A 27 26.03 12.91 12.73
C LYS A 27 26.03 13.64 11.38
N SER A 28 26.98 14.55 11.15
CA SER A 28 27.08 15.26 9.85
C SER A 28 27.13 14.26 8.70
N VAL A 29 26.40 14.57 7.63
CA VAL A 29 26.44 13.76 6.40
C VAL A 29 27.04 14.54 5.24
N SER A 30 27.59 15.71 5.57
CA SER A 30 28.26 16.56 4.60
C SER A 30 29.79 16.37 4.62
N SER A 31 30.40 16.65 3.47
CA SER A 31 31.84 16.84 3.36
C SER A 31 32.02 18.29 2.95
N SER A 32 33.22 18.67 2.50
CA SER A 32 33.45 20.03 2.00
C SER A 32 32.61 20.26 0.76
N VAL A 33 32.61 19.25 -0.12
CA VAL A 33 32.10 19.32 -1.49
C VAL A 33 30.59 19.08 -1.63
N ASN A 34 30.08 18.12 -0.85
CA ASN A 34 28.74 17.56 -1.03
C ASN A 34 28.01 17.36 0.29
N SER A 35 26.68 17.48 0.24
CA SER A 35 25.83 16.99 1.30
C SER A 35 25.05 15.77 0.82
N TYR A 36 25.31 14.62 1.45
CA TYR A 36 24.76 13.36 1.00
C TYR A 36 23.39 13.04 1.59
N MET A 37 22.40 13.84 1.19
CA MET A 37 21.00 13.65 1.58
C MET A 37 20.13 13.46 0.35
N HIS A 38 19.26 12.45 0.40
CA HIS A 38 18.23 12.20 -0.60
C HIS A 38 16.84 12.34 -0.01
N TRP A 39 15.88 12.77 -0.82
CA TRP A 39 14.48 12.81 -0.39
C TRP A 39 13.62 11.97 -1.33
N TYR A 40 12.72 11.16 -0.76
CA TYR A 40 11.86 10.28 -1.53
C TYR A 40 10.39 10.57 -1.25
N GLN A 41 9.54 10.18 -2.21
CA GLN A 41 8.10 10.23 -2.09
C GLN A 41 7.63 8.80 -2.26
N GLN A 42 6.74 8.33 -1.38
CA GLN A 42 6.15 7.02 -1.57
C GLN A 42 4.64 7.03 -1.39
N LYS A 43 3.95 6.55 -2.41
CA LYS A 43 2.52 6.36 -2.38
C LYS A 43 2.25 4.88 -2.10
N PRO A 44 1.09 4.56 -1.46
CA PRO A 44 0.72 3.18 -1.09
C PRO A 44 0.82 2.18 -2.26
N GLY A 45 1.51 1.06 -2.04
CA GLY A 45 1.68 0.04 -3.09
C GLY A 45 2.58 0.45 -4.26
N GLN A 46 3.35 1.51 -4.09
CA GLN A 46 4.33 1.90 -5.09
C GLN A 46 5.73 1.93 -4.46
N PRO A 47 6.79 1.73 -5.28
CA PRO A 47 8.15 1.95 -4.78
C PRO A 47 8.37 3.43 -4.43
N PRO A 48 9.38 3.73 -3.60
CA PRO A 48 9.71 5.13 -3.38
C PRO A 48 10.15 5.80 -4.69
N LYS A 49 9.97 7.10 -4.78
CA LYS A 49 10.41 7.89 -5.93
C LYS A 49 11.39 8.97 -5.47
N LEU A 50 12.54 9.03 -6.15
CA LEU A 50 13.57 10.01 -5.82
C LEU A 50 13.15 11.41 -6.24
N LEU A 51 13.12 12.33 -5.29
CA LEU A 51 12.79 13.72 -5.54
C LEU A 51 14.01 14.62 -5.57
N ILE A 52 14.89 14.44 -4.57
CA ILE A 52 16.05 15.31 -4.36
C ILE A 52 17.27 14.46 -4.14
N TYR A 53 18.33 14.76 -4.90
CA TYR A 53 19.64 14.15 -4.67
C TYR A 53 20.65 15.22 -4.25
N LEU A 54 21.72 14.79 -3.59
CA LEU A 54 22.74 15.69 -3.04
C LEU A 54 22.16 16.94 -2.37
N ALA A 55 21.11 16.74 -1.56
CA ALA A 55 20.58 17.74 -0.62
C ALA A 55 19.72 18.82 -1.24
N SER A 56 20.09 19.31 -2.42
CA SER A 56 19.38 20.44 -3.02
C SER A 56 19.12 20.36 -4.50
N ASN A 57 19.47 19.24 -5.13
CA ASN A 57 19.22 19.12 -6.56
C ASN A 57 17.95 18.34 -6.79
N LEU A 58 17.12 18.91 -7.64
CA LEU A 58 15.87 18.30 -8.05
C LEU A 58 16.14 17.18 -9.05
N GLU A 59 15.65 15.97 -8.79
CA GLU A 59 15.74 14.88 -9.77
C GLU A 59 15.04 15.22 -11.05
N SER A 60 15.58 14.71 -12.15
CA SER A 60 14.97 14.85 -13.47
C SER A 60 13.56 14.27 -13.45
N GLY A 61 12.64 14.95 -14.15
CA GLY A 61 11.26 14.48 -14.23
C GLY A 61 10.35 14.95 -13.10
N VAL A 62 10.93 15.29 -11.96
CA VAL A 62 10.16 15.65 -10.76
C VAL A 62 9.73 17.12 -10.84
N PRO A 63 8.45 17.41 -10.51
CA PRO A 63 7.94 18.79 -10.60
C PRO A 63 8.61 19.77 -9.63
N ALA A 64 8.74 21.01 -10.08
CA ALA A 64 9.52 22.05 -9.39
C ALA A 64 8.89 22.63 -8.11
N ARG A 65 7.76 22.08 -7.66
CA ARG A 65 7.21 22.48 -6.35
C ARG A 65 7.97 21.81 -5.18
N PHE A 66 8.65 20.71 -5.46
CA PHE A 66 9.55 20.07 -4.50
C PHE A 66 10.96 20.67 -4.54
N SER A 67 11.50 20.99 -3.36
CA SER A 67 12.89 21.43 -3.27
C SER A 67 13.50 21.01 -1.94
N GLY A 68 14.81 20.85 -1.93
CA GLY A 68 15.51 20.47 -0.72
C GLY A 68 16.56 21.47 -0.33
N SER A 69 17.01 21.39 0.91
CA SER A 69 18.09 22.26 1.38
C SER A 69 18.63 21.80 2.74
N GLY A 70 19.68 22.48 3.20
CA GLY A 70 20.35 22.15 4.44
C GLY A 70 21.74 21.62 4.16
N SER A 71 22.48 21.42 5.24
CA SER A 71 23.85 20.87 5.19
C SER A 71 24.21 20.45 6.60
N GLY A 72 25.24 19.64 6.74
CA GLY A 72 25.69 19.19 8.04
C GLY A 72 24.72 18.15 8.56
N THR A 73 23.85 18.57 9.48
CA THR A 73 22.94 17.64 10.12
C THR A 73 21.49 17.98 9.84
N ASP A 74 21.22 19.24 9.51
CA ASP A 74 19.84 19.70 9.38
C ASP A 74 19.37 19.92 7.94
N PHE A 75 18.26 19.25 7.60
CA PHE A 75 17.77 19.28 6.22
C PHE A 75 16.26 19.51 6.10
N THR A 76 15.84 19.99 4.94
CA THR A 76 14.44 20.36 4.74
C THR A 76 13.95 19.95 3.35
N LEU A 77 12.75 19.37 3.31
CA LEU A 77 12.01 19.25 2.06
C LEU A 77 10.89 20.28 2.06
N ASN A 78 10.75 20.96 0.94
CA ASN A 78 9.75 22.01 0.80
C ASN A 78 8.86 21.62 -0.38
N ILE A 79 7.54 21.65 -0.14
CA ILE A 79 6.54 21.42 -1.16
C ILE A 79 5.64 22.66 -1.19
N HIS A 80 5.65 23.39 -2.30
CA HIS A 80 4.90 24.65 -2.44
C HIS A 80 4.66 24.97 -3.92
N PRO A 81 3.39 25.02 -4.36
CA PRO A 81 2.16 24.73 -3.60
C PRO A 81 1.86 23.23 -3.49
N VAL A 82 1.38 22.75 -2.34
CA VAL A 82 0.94 21.36 -2.29
C VAL A 82 -0.26 21.20 -3.21
N GLU A 83 -0.28 20.07 -3.90
CA GLU A 83 -1.34 19.67 -4.77
C GLU A 83 -1.96 18.42 -4.15
N GLU A 84 -3.07 17.96 -4.73
CA GLU A 84 -3.75 16.80 -4.23
C GLU A 84 -2.95 15.51 -4.38
N GLU A 85 -2.23 15.40 -5.49
CA GLU A 85 -1.41 14.21 -5.79
C GLU A 85 -0.22 14.05 -4.83
N ASP A 86 0.08 15.10 -4.07
CA ASP A 86 1.17 15.09 -3.11
C ASP A 86 0.92 14.27 -1.83
N ALA A 87 -0.33 13.86 -1.61
CA ALA A 87 -0.69 13.02 -0.48
C ALA A 87 0.13 11.74 -0.51
N ALA A 88 1.05 11.59 0.45
CA ALA A 88 2.08 10.54 0.42
C ALA A 88 2.99 10.57 1.66
N THR A 89 3.90 9.61 1.74
CA THR A 89 4.91 9.61 2.78
C THR A 89 6.27 10.01 2.21
N TYR A 90 7.00 10.81 2.97
CA TYR A 90 8.27 11.33 2.50
C TYR A 90 9.41 10.93 3.41
N TYR A 91 10.46 10.39 2.79
CA TYR A 91 11.59 9.86 3.50
C TYR A 91 12.82 10.65 3.09
N CYS A 92 13.64 10.99 4.07
CA CYS A 92 14.98 11.42 3.80
C CYS A 92 15.89 10.19 3.90
N GLN A 93 17.14 10.33 3.46
CA GLN A 93 18.09 9.21 3.44
C GLN A 93 19.50 9.71 3.22
N HIS A 94 20.41 9.06 3.94
CA HIS A 94 21.85 9.23 3.82
C HIS A 94 22.22 8.46 2.57
N SER A 95 22.80 9.15 1.61
CA SER A 95 22.92 8.59 0.27
C SER A 95 24.30 8.04 0.01
N ARG A 96 25.10 7.91 1.08
CA ARG A 96 26.31 7.11 0.99
C ARG A 96 26.56 6.33 2.29
N GLU A 97 27.73 5.70 2.37
CA GLU A 97 28.12 4.86 3.51
C GLU A 97 27.01 3.84 3.79
N LEU A 98 26.45 3.85 5.01
CA LEU A 98 25.45 2.86 5.38
C LEU A 98 24.02 3.25 4.99
N ARG A 99 23.91 4.26 4.13
CA ARG A 99 22.68 4.48 3.37
C ARG A 99 21.37 4.47 4.19
N THR A 100 21.43 4.98 5.42
CA THR A 100 20.30 4.95 6.37
C THR A 100 19.09 5.74 5.90
N PHE A 101 17.92 5.13 6.01
CA PHE A 101 16.64 5.82 5.80
C PHE A 101 16.13 6.44 7.09
N GLY A 102 15.58 7.66 6.97
CA GLY A 102 14.79 8.25 8.03
C GLY A 102 13.44 7.54 8.12
N GLY A 103 12.69 7.83 9.17
CA GLY A 103 11.47 7.05 9.46
C GLY A 103 10.20 7.37 8.69
N GLY A 104 10.20 8.48 7.95
CA GLY A 104 9.05 8.92 7.15
C GLY A 104 8.22 10.02 7.78
N THR A 105 7.70 10.92 6.94
CA THR A 105 6.64 11.84 7.33
C THR A 105 5.44 11.67 6.41
N LYS A 106 4.29 11.34 6.99
CA LYS A 106 3.04 11.27 6.22
C LYS A 106 2.51 12.68 5.95
N LEU A 107 2.26 13.01 4.69
CA LEU A 107 1.61 14.29 4.34
C LEU A 107 0.14 14.12 4.07
N GLU A 108 -0.69 14.79 4.86
CA GLU A 108 -2.13 14.85 4.62
C GLU A 108 -2.50 16.18 3.95
N ILE A 109 -3.26 16.10 2.85
CA ILE A 109 -3.85 17.28 2.21
C ILE A 109 -5.17 17.67 2.89
N LYS A 110 -5.23 18.88 3.44
CA LYS A 110 -6.45 19.39 4.09
C LYS A 110 -7.44 19.91 3.05
N ARG A 111 -8.73 19.76 3.32
CA ARG A 111 -9.80 20.22 2.42
C ARG A 111 -11.08 20.49 3.19
N ALA A 112 -12.10 21.02 2.52
CA ALA A 112 -13.44 21.14 3.12
C ALA A 112 -13.97 19.76 3.51
N ASP A 113 -14.81 19.72 4.52
CA ASP A 113 -15.43 18.48 4.94
C ASP A 113 -16.17 17.87 3.76
N ALA A 114 -16.22 16.54 3.73
CA ALA A 114 -17.00 15.81 2.75
C ALA A 114 -17.81 14.74 3.49
N ALA A 115 -19.12 14.73 3.27
CA ALA A 115 -20.00 13.71 3.86
C ALA A 115 -19.75 12.35 3.22
N PRO A 116 -19.85 11.27 4.00
CA PRO A 116 -19.69 9.94 3.41
C PRO A 116 -20.91 9.53 2.61
N THR A 117 -20.71 8.75 1.55
CA THR A 117 -21.77 8.06 0.83
C THR A 117 -21.77 6.61 1.31
N VAL A 118 -22.87 6.18 1.91
CA VAL A 118 -22.93 4.86 2.53
C VAL A 118 -23.74 3.91 1.65
N SER A 119 -23.22 2.70 1.43
CA SER A 119 -23.95 1.65 0.73
C SER A 119 -23.85 0.36 1.54
N ILE A 120 -24.99 -0.31 1.76
CA ILE A 120 -25.03 -1.60 2.45
C ILE A 120 -25.30 -2.76 1.49
N PHE A 121 -24.66 -3.90 1.76
CA PHE A 121 -24.74 -5.08 0.91
C PHE A 121 -24.97 -6.35 1.75
N PRO A 122 -26.07 -7.08 1.48
CA PRO A 122 -26.34 -8.31 2.20
C PRO A 122 -25.38 -9.41 1.74
N PRO A 123 -25.38 -10.57 2.43
CA PRO A 123 -24.57 -11.64 1.87
C PRO A 123 -24.98 -11.94 0.45
N SER A 124 -24.00 -12.23 -0.40
CA SER A 124 -24.26 -12.74 -1.73
C SER A 124 -24.87 -14.13 -1.59
N SER A 125 -25.81 -14.45 -2.47
CA SER A 125 -26.48 -15.73 -2.40
C SER A 125 -25.52 -16.89 -2.73
N GLU A 126 -24.43 -16.62 -3.47
CA GLU A 126 -23.43 -17.69 -3.62
C GLU A 126 -22.62 -17.95 -2.34
N GLN A 127 -22.42 -16.91 -1.53
CA GLN A 127 -21.76 -17.08 -0.23
C GLN A 127 -22.64 -17.86 0.75
N LEU A 128 -23.94 -17.53 0.76
CA LEU A 128 -24.90 -18.29 1.53
C LEU A 128 -24.88 -19.76 1.11
N THR A 129 -24.82 -20.01 -0.20
CA THR A 129 -24.65 -21.37 -0.73
C THR A 129 -23.36 -22.02 -0.20
N SER A 130 -22.33 -21.23 0.07
CA SER A 130 -21.07 -21.78 0.59
C SER A 130 -21.07 -21.99 2.11
N GLY A 131 -22.10 -21.47 2.78
CA GLY A 131 -22.24 -21.61 4.24
C GLY A 131 -21.71 -20.44 5.06
N GLY A 132 -21.35 -19.34 4.40
CA GLY A 132 -20.91 -18.14 5.12
C GLY A 132 -21.90 -17.01 4.96
N ALA A 133 -21.68 -15.92 5.69
CA ALA A 133 -22.45 -14.68 5.52
C ALA A 133 -21.68 -13.45 6.05
N SER A 134 -21.49 -12.46 5.18
CA SER A 134 -20.88 -11.19 5.54
C SER A 134 -21.79 -10.07 5.08
N VAL A 135 -22.06 -9.12 5.96
CA VAL A 135 -22.79 -7.92 5.58
C VAL A 135 -21.72 -6.87 5.41
N VAL A 136 -21.68 -6.26 4.24
CA VAL A 136 -20.66 -5.27 3.93
C VAL A 136 -21.29 -3.91 3.73
N CYS A 137 -20.76 -2.89 4.39
CA CYS A 137 -21.12 -1.56 3.94
C CYS A 137 -19.94 -0.63 3.70
N PHE A 138 -19.97 0.10 2.59
CA PHE A 138 -18.89 1.01 2.17
C PHE A 138 -19.24 2.42 2.58
N LEU A 139 -18.27 3.14 3.11
CA LEU A 139 -18.47 4.53 3.48
C LEU A 139 -17.48 5.29 2.65
N ASN A 140 -17.95 5.91 1.58
CA ASN A 140 -17.05 6.42 0.55
C ASN A 140 -16.89 7.92 0.47
N ASN A 141 -15.65 8.31 0.14
CA ASN A 141 -15.30 9.68 -0.24
C ASN A 141 -15.68 10.74 0.77
N PHE A 142 -15.13 10.60 1.97
CA PHE A 142 -15.39 11.54 3.03
C PHE A 142 -14.12 12.23 3.52
N TYR A 143 -14.33 13.31 4.26
CA TYR A 143 -13.26 14.07 4.88
C TYR A 143 -13.93 14.87 5.99
N PRO A 144 -13.28 14.97 7.17
CA PRO A 144 -11.97 14.40 7.52
C PRO A 144 -12.03 12.88 7.69
N LYS A 145 -10.87 12.26 7.93
CA LYS A 145 -10.79 10.80 8.05
C LYS A 145 -11.48 10.24 9.30
N ASP A 146 -11.87 11.10 10.24
CA ASP A 146 -12.51 10.65 11.47
C ASP A 146 -13.91 10.12 11.21
N ILE A 147 -14.11 8.82 11.42
CA ILE A 147 -15.41 8.19 11.22
C ILE A 147 -15.55 6.92 12.06
N ASN A 148 -16.76 6.56 12.44
CA ASN A 148 -17.00 5.22 13.02
C ASN A 148 -18.33 4.62 12.58
N VAL A 149 -18.33 3.30 12.56
CA VAL A 149 -19.46 2.53 12.13
C VAL A 149 -19.91 1.70 13.31
N LYS A 150 -21.17 1.86 13.69
CA LYS A 150 -21.79 0.85 14.55
C LYS A 150 -22.77 0.01 13.77
N TRP A 151 -22.77 -1.28 14.08
CA TRP A 151 -23.68 -2.24 13.46
C TRP A 151 -24.79 -2.56 14.42
N LYS A 152 -25.99 -2.72 13.90
CA LYS A 152 -27.10 -3.20 14.69
C LYS A 152 -27.76 -4.39 14.02
N ILE A 153 -27.87 -5.47 14.77
CA ILE A 153 -28.62 -6.64 14.37
C ILE A 153 -29.90 -6.65 15.21
N ASP A 154 -31.05 -6.59 14.55
CA ASP A 154 -32.36 -6.53 15.21
C ASP A 154 -32.45 -5.46 16.32
N GLY A 155 -31.80 -4.34 16.10
CA GLY A 155 -31.86 -3.25 17.07
C GLY A 155 -30.68 -3.15 18.02
N SER A 156 -30.06 -4.27 18.36
CA SER A 156 -28.94 -4.23 19.30
C SER A 156 -27.56 -4.19 18.63
N GLU A 157 -26.63 -3.49 19.25
CA GLU A 157 -25.30 -3.29 18.67
C GLU A 157 -24.47 -4.57 18.70
N ARG A 158 -23.70 -4.75 17.64
CA ARG A 158 -22.85 -5.91 17.49
C ARG A 158 -21.42 -5.39 17.44
N GLN A 159 -20.60 -5.82 18.39
CA GLN A 159 -19.22 -5.32 18.49
C GLN A 159 -18.19 -6.25 17.86
N ASN A 160 -18.38 -7.54 18.06
CA ASN A 160 -17.46 -8.56 17.57
C ASN A 160 -17.65 -8.84 16.08
N GLY A 161 -16.56 -9.23 15.42
CA GLY A 161 -16.60 -9.70 14.04
C GLY A 161 -16.71 -8.59 13.00
N VAL A 162 -16.47 -7.35 13.41
CA VAL A 162 -16.50 -6.21 12.49
C VAL A 162 -15.09 -5.87 11.99
N LEU A 163 -14.91 -5.93 10.68
CA LEU A 163 -13.64 -5.60 10.04
C LEU A 163 -13.68 -4.23 9.41
N ASN A 164 -12.79 -3.35 9.83
CA ASN A 164 -12.70 -2.02 9.26
C ASN A 164 -11.39 -1.80 8.49
N SER A 165 -11.47 -1.02 7.42
CA SER A 165 -10.35 -0.82 6.53
C SER A 165 -10.49 0.56 5.90
N TRP A 166 -9.44 1.37 5.99
CA TRP A 166 -9.43 2.68 5.32
C TRP A 166 -8.53 2.63 4.07
N THR A 167 -8.97 3.30 3.00
CA THR A 167 -8.05 3.66 1.93
C THR A 167 -7.06 4.73 2.41
N ASP A 168 -5.94 4.82 1.70
CA ASP A 168 -5.04 5.96 1.90
C ASP A 168 -5.70 7.15 1.23
N GLN A 169 -5.33 8.36 1.65
CA GLN A 169 -5.99 9.56 1.14
C GLN A 169 -5.97 9.59 -0.39
N ASP A 170 -7.12 9.91 -0.98
CA ASP A 170 -7.25 9.85 -2.42
C ASP A 170 -6.42 10.90 -3.18
N SER A 171 -5.71 10.43 -4.21
CA SER A 171 -4.83 11.29 -4.99
C SER A 171 -5.57 12.40 -5.76
N LYS A 172 -6.80 12.12 -6.22
CA LYS A 172 -7.58 13.10 -6.99
C LYS A 172 -8.37 14.12 -6.17
N ASP A 173 -9.17 13.68 -5.19
CA ASP A 173 -10.13 14.58 -4.50
C ASP A 173 -9.88 14.78 -3.00
N SER A 174 -8.88 14.09 -2.47
CA SER A 174 -8.39 14.28 -1.09
C SER A 174 -9.27 13.68 0.00
N THR A 175 -10.13 12.75 -0.39
CA THR A 175 -11.04 12.15 0.56
C THR A 175 -10.49 10.81 1.03
N TYR A 176 -11.17 10.23 2.01
CA TYR A 176 -10.85 8.90 2.52
C TYR A 176 -12.05 8.05 2.25
N SER A 177 -11.81 6.75 2.16
CA SER A 177 -12.90 5.79 2.06
C SER A 177 -12.71 4.71 3.10
N MET A 178 -13.80 4.11 3.52
CA MET A 178 -13.77 3.03 4.51
C MET A 178 -14.71 1.88 4.15
N SER A 179 -14.24 0.67 4.44
CA SER A 179 -15.03 -0.53 4.24
C SER A 179 -15.30 -1.17 5.61
N SER A 180 -16.57 -1.33 5.95
CA SER A 180 -16.95 -2.00 7.21
C SER A 180 -17.66 -3.31 6.92
N THR A 181 -17.01 -4.41 7.28
CA THR A 181 -17.53 -5.73 7.00
C THR A 181 -17.91 -6.42 8.29
N LEU A 182 -19.20 -6.71 8.43
CA LEU A 182 -19.72 -7.44 9.59
C LEU A 182 -19.63 -8.93 9.26
N THR A 183 -18.71 -9.60 9.94
CA THR A 183 -18.56 -11.02 9.72
C THR A 183 -19.38 -11.89 10.71
N LEU A 184 -20.03 -12.91 10.18
CA LEU A 184 -21.16 -13.54 10.84
C LEU A 184 -21.17 -15.00 10.44
N THR A 185 -21.68 -15.88 11.30
CA THR A 185 -21.95 -17.25 10.82
C THR A 185 -23.28 -17.19 10.08
N LYS A 186 -23.44 -18.05 9.09
CA LYS A 186 -24.73 -18.19 8.42
C LYS A 186 -25.83 -18.43 9.45
N ASP A 187 -25.52 -19.24 10.47
CA ASP A 187 -26.42 -19.48 11.60
C ASP A 187 -26.97 -18.17 12.12
N GLU A 188 -26.11 -17.27 12.60
CA GLU A 188 -26.64 -16.02 13.15
C GLU A 188 -27.26 -15.09 12.11
N TYR A 189 -26.71 -15.06 10.90
CA TYR A 189 -27.36 -14.32 9.83
C TYR A 189 -28.83 -14.72 9.68
N GLU A 190 -29.08 -16.02 9.54
CA GLU A 190 -30.42 -16.56 9.26
C GLU A 190 -31.39 -16.51 10.43
N ARG A 191 -30.89 -16.29 11.64
CA ARG A 191 -31.76 -16.22 12.82
C ARG A 191 -32.18 -14.80 13.18
N HIS A 192 -31.69 -13.82 12.42
CA HIS A 192 -32.03 -12.42 12.70
C HIS A 192 -32.51 -11.73 11.43
N ASN A 193 -33.16 -10.57 11.58
CA ASN A 193 -33.81 -9.95 10.42
C ASN A 193 -33.30 -8.61 9.87
N SER A 194 -33.25 -7.59 10.73
CA SER A 194 -32.80 -6.26 10.30
C SER A 194 -31.31 -6.06 10.58
N TYR A 195 -30.59 -5.60 9.54
CA TYR A 195 -29.16 -5.30 9.64
C TYR A 195 -28.91 -3.82 9.33
N THR A 196 -28.15 -3.17 10.19
CA THR A 196 -27.98 -1.72 10.12
C THR A 196 -26.51 -1.33 10.30
N CYS A 197 -26.02 -0.45 9.42
CA CYS A 197 -24.75 0.19 9.71
C CYS A 197 -24.97 1.69 9.82
N GLU A 198 -24.51 2.26 10.92
CA GLU A 198 -24.67 3.68 11.21
C GLU A 198 -23.32 4.35 11.22
N ALA A 199 -23.12 5.31 10.33
CA ALA A 199 -21.85 6.04 10.27
C ALA A 199 -21.94 7.33 11.06
N THR A 200 -21.05 7.49 12.03
CA THR A 200 -20.93 8.75 12.74
C THR A 200 -19.79 9.54 12.12
N HIS A 201 -20.12 10.71 11.59
CA HIS A 201 -19.16 11.61 10.97
C HIS A 201 -19.59 13.05 11.30
N LYS A 202 -18.64 13.98 11.33
CA LYS A 202 -18.95 15.36 11.70
C LYS A 202 -19.90 16.07 10.70
N THR A 203 -19.99 15.53 9.48
CA THR A 203 -20.83 16.14 8.46
C THR A 203 -22.32 15.98 8.74
N SER A 204 -22.65 15.31 9.85
CA SER A 204 -24.05 15.12 10.22
C SER A 204 -24.24 15.03 11.72
N THR A 205 -25.29 15.71 12.18
CA THR A 205 -25.62 15.75 13.59
C THR A 205 -26.27 14.44 14.12
N SER A 206 -26.64 13.55 13.21
CA SER A 206 -27.09 12.22 13.57
C SER A 206 -26.53 11.19 12.57
N PRO A 207 -26.36 9.93 13.01
CA PRO A 207 -25.80 8.88 12.16
C PRO A 207 -26.43 8.79 10.78
N VAL A 208 -25.61 8.64 9.75
CA VAL A 208 -26.06 8.29 8.42
C VAL A 208 -26.34 6.79 8.50
N VAL A 209 -27.61 6.41 8.32
CA VAL A 209 -28.05 5.04 8.58
C VAL A 209 -28.37 4.35 7.27
N LYS A 210 -27.93 3.10 7.15
CA LYS A 210 -28.31 2.25 6.02
C LYS A 210 -28.74 0.89 6.52
N SER A 211 -29.87 0.41 5.99
CA SER A 211 -30.52 -0.77 6.53
C SER A 211 -31.14 -1.70 5.48
N PHE A 212 -31.30 -2.96 5.85
CA PHE A 212 -32.16 -3.89 5.10
C PHE A 212 -32.75 -4.95 6.03
N ASN A 213 -33.85 -5.54 5.60
CA ASN A 213 -34.43 -6.70 6.28
C ASN A 213 -34.21 -7.95 5.43
N ARG A 214 -33.71 -9.01 6.05
CA ARG A 214 -33.36 -10.23 5.32
C ARG A 214 -34.56 -10.93 4.67
N ASN A 215 -35.70 -10.95 5.34
CA ASN A 215 -36.91 -11.57 4.78
C ASN A 215 -37.48 -10.77 3.61
N GLU A 216 -37.20 -9.46 3.61
CA GLU A 216 -37.58 -8.57 2.49
C GLU A 216 -36.64 -8.63 1.28
N CYS A 217 -35.68 -9.56 1.27
CA CYS A 217 -34.63 -9.60 0.23
C CYS A 217 -35.08 -10.23 -1.11
N GLU B 1 13.68 2.16 -21.67
CA GLU B 1 14.99 2.42 -20.99
C GLU B 1 15.13 1.56 -19.72
N VAL B 2 15.36 2.18 -18.56
CA VAL B 2 15.76 1.45 -17.33
C VAL B 2 14.60 0.69 -16.67
N MET B 3 14.79 -0.61 -16.39
CA MET B 3 13.77 -1.46 -15.79
C MET B 3 14.38 -2.45 -14.80
N LEU B 4 13.83 -2.51 -13.59
CA LEU B 4 14.20 -3.52 -12.58
C LEU B 4 12.95 -4.29 -12.21
N VAL B 5 12.97 -5.60 -12.41
CA VAL B 5 11.78 -6.43 -12.22
C VAL B 5 12.07 -7.61 -11.29
N GLU B 6 11.33 -7.65 -10.19
CA GLU B 6 11.56 -8.66 -9.17
C GLU B 6 10.62 -9.88 -9.25
N SER B 7 11.00 -10.93 -8.53
CA SER B 7 10.19 -12.14 -8.37
C SER B 7 10.81 -13.07 -7.32
N GLY B 8 10.05 -14.08 -6.93
CA GLY B 8 10.51 -15.09 -5.99
C GLY B 8 9.86 -14.96 -4.62
N GLY B 9 9.09 -13.88 -4.44
CA GLY B 9 8.45 -13.61 -3.16
C GLY B 9 7.25 -14.52 -2.92
N GLY B 10 6.85 -14.61 -1.66
CA GLY B 10 5.71 -15.42 -1.29
C GLY B 10 5.79 -15.92 0.14
N LEU B 11 5.15 -17.06 0.37
CA LEU B 11 5.06 -17.63 1.69
C LEU B 11 6.25 -18.52 1.97
N VAL B 12 6.74 -18.44 3.19
CA VAL B 12 7.83 -19.29 3.65
C VAL B 12 7.65 -19.51 5.15
N GLN B 13 7.99 -20.71 5.61
CA GLN B 13 7.78 -21.08 7.00
C GLN B 13 8.86 -20.50 7.88
N PRO B 14 8.53 -20.10 9.12
CA PRO B 14 9.54 -19.65 10.08
C PRO B 14 10.75 -20.60 10.12
N GLY B 15 11.96 -20.02 10.14
CA GLY B 15 13.19 -20.80 10.08
C GLY B 15 13.60 -21.11 8.65
N GLY B 16 12.68 -20.93 7.71
CA GLY B 16 12.94 -21.24 6.30
C GLY B 16 13.88 -20.29 5.58
N SER B 17 14.09 -20.55 4.29
CA SER B 17 14.94 -19.71 3.48
C SER B 17 14.28 -19.36 2.14
N LEU B 18 14.73 -18.28 1.51
CA LEU B 18 14.12 -17.80 0.27
C LEU B 18 15.12 -17.02 -0.57
N ARG B 19 14.99 -17.13 -1.91
CA ARG B 19 15.79 -16.34 -2.84
C ARG B 19 14.97 -15.49 -3.80
N LEU B 20 15.08 -14.17 -3.64
CA LEU B 20 14.45 -13.19 -4.54
C LEU B 20 15.47 -12.79 -5.58
N SER B 21 14.98 -12.53 -6.79
CA SER B 21 15.84 -12.06 -7.85
C SER B 21 15.35 -10.70 -8.32
N CYS B 22 16.16 -10.04 -9.13
CA CYS B 22 15.84 -8.72 -9.62
C CYS B 22 16.50 -8.57 -10.99
N ALA B 23 15.70 -8.72 -12.03
CA ALA B 23 16.20 -8.68 -13.40
C ALA B 23 16.28 -7.25 -13.95
N THR B 24 17.46 -6.86 -14.43
CA THR B 24 17.66 -5.50 -14.92
C THR B 24 17.88 -5.47 -16.43
N SER B 25 17.56 -4.32 -17.03
CA SER B 25 17.87 -4.04 -18.43
C SER B 25 17.93 -2.54 -18.60
N GLY B 26 18.52 -2.08 -19.70
CA GLY B 26 18.54 -0.66 -20.01
C GLY B 26 19.67 0.12 -19.39
N PHE B 27 20.64 -0.58 -18.80
CA PHE B 27 21.91 0.04 -18.39
C PHE B 27 23.03 -0.98 -18.34
N THR B 28 24.27 -0.51 -18.22
CA THR B 28 25.37 -1.45 -18.15
C THR B 28 25.48 -1.98 -16.72
N PHE B 29 24.85 -3.14 -16.54
CA PHE B 29 24.65 -3.76 -15.24
C PHE B 29 25.93 -3.89 -14.38
N ILE B 30 27.02 -4.37 -14.97
CA ILE B 30 28.25 -4.65 -14.20
C ILE B 30 28.92 -3.42 -13.63
N ASP B 31 28.66 -2.25 -14.19
CA ASP B 31 29.30 -1.02 -13.69
C ASP B 31 28.57 -0.30 -12.56
N TYR B 32 27.49 -0.91 -12.08
CA TYR B 32 26.64 -0.32 -11.06
C TYR B 32 26.60 -1.19 -9.81
N TYR B 33 26.68 -0.53 -8.65
CA TYR B 33 26.30 -1.15 -7.39
C TYR B 33 24.80 -1.42 -7.47
N MET B 34 24.33 -2.45 -6.78
CA MET B 34 22.89 -2.69 -6.65
C MET B 34 22.53 -2.77 -5.16
N SER B 35 21.41 -2.17 -4.78
CA SER B 35 20.97 -2.27 -3.39
C SER B 35 19.69 -3.08 -3.19
N TRP B 36 19.52 -3.57 -1.97
CA TRP B 36 18.28 -4.18 -1.55
C TRP B 36 17.75 -3.40 -0.36
N VAL B 37 16.45 -3.19 -0.37
CA VAL B 37 15.78 -2.34 0.61
C VAL B 37 14.48 -3.04 0.95
N ARG B 38 14.10 -3.01 2.21
CA ARG B 38 12.84 -3.65 2.59
C ARG B 38 11.93 -2.71 3.35
N GLN B 39 10.63 -3.01 3.31
CA GLN B 39 9.61 -2.23 3.99
C GLN B 39 8.51 -3.12 4.57
N PRO B 40 8.57 -3.42 5.90
CA PRO B 40 7.49 -4.15 6.54
C PRO B 40 6.19 -3.39 6.34
N PRO B 41 5.04 -4.10 6.23
CA PRO B 41 3.78 -3.40 5.92
C PRO B 41 3.50 -2.31 6.96
N GLY B 42 3.21 -1.10 6.50
CA GLY B 42 2.96 0.04 7.39
C GLY B 42 4.18 0.74 7.99
N LYS B 43 5.38 0.17 7.83
CA LYS B 43 6.58 0.74 8.46
C LYS B 43 7.53 1.46 7.49
N ALA B 44 8.62 2.00 8.03
CA ALA B 44 9.65 2.72 7.26
C ALA B 44 10.54 1.81 6.40
N LEU B 45 11.16 2.41 5.38
CA LEU B 45 12.13 1.73 4.55
C LEU B 45 13.40 1.36 5.33
N GLU B 46 14.00 0.23 4.97
CA GLU B 46 15.22 -0.23 5.63
C GLU B 46 16.20 -0.74 4.59
N TRP B 47 17.39 -0.15 4.57
CA TRP B 47 18.43 -0.56 3.64
C TRP B 47 19.05 -1.83 4.17
N LEU B 48 19.26 -2.80 3.29
CA LEU B 48 19.70 -4.12 3.72
C LEU B 48 21.14 -4.41 3.34
N GLY B 49 21.57 -3.92 2.16
CA GLY B 49 22.93 -4.09 1.70
C GLY B 49 23.09 -3.78 0.23
N PHE B 50 24.34 -3.77 -0.24
CA PHE B 50 24.59 -3.67 -1.68
C PHE B 50 25.67 -4.65 -2.12
N ILE B 51 25.71 -4.93 -3.41
CA ILE B 51 26.85 -5.57 -4.01
C ILE B 51 27.48 -4.54 -4.97
N ARG B 52 28.81 -4.43 -4.93
CA ARG B 52 29.58 -3.43 -5.69
C ARG B 52 29.74 -3.80 -7.17
N ASN B 53 30.23 -2.86 -7.97
CA ASN B 53 30.48 -3.09 -9.40
C ASN B 53 31.75 -3.90 -9.71
N LYS B 54 31.99 -4.18 -10.99
CA LYS B 54 33.22 -4.84 -11.45
C LYS B 54 34.49 -4.14 -10.99
N GLY B 55 34.47 -2.81 -10.97
CA GLY B 55 35.63 -2.01 -10.56
C GLY B 55 36.10 -2.35 -9.16
N ASN B 56 35.15 -2.69 -8.29
CA ASN B 56 35.46 -3.01 -6.89
C ASN B 56 35.33 -4.50 -6.56
N GLY B 57 35.26 -5.33 -7.60
CA GLY B 57 35.35 -6.77 -7.42
C GLY B 57 34.10 -7.48 -6.95
N TYR B 58 32.94 -6.83 -7.14
CA TYR B 58 31.63 -7.43 -6.82
C TYR B 58 31.52 -7.84 -5.34
N THR B 59 32.17 -7.06 -4.50
CA THR B 59 32.17 -7.30 -3.07
C THR B 59 30.84 -6.79 -2.45
N THR B 60 30.55 -7.16 -1.20
CA THR B 60 29.22 -6.90 -0.62
C THR B 60 29.23 -6.24 0.77
N GLU B 61 28.20 -5.44 1.06
CA GLU B 61 28.04 -4.72 2.32
C GLU B 61 26.61 -4.88 2.81
N TYR B 62 26.44 -5.09 4.12
CA TYR B 62 25.11 -5.34 4.71
C TYR B 62 24.85 -4.44 5.90
N SER B 63 23.57 -4.14 6.17
CA SER B 63 23.23 -3.43 7.41
C SER B 63 23.57 -4.32 8.60
N THR B 64 23.79 -3.69 9.75
CA THR B 64 24.05 -4.41 11.01
C THR B 64 22.95 -5.43 11.30
N SER B 65 21.72 -5.14 10.89
CA SER B 65 20.55 -5.97 11.20
C SER B 65 20.43 -7.27 10.39
N VAL B 66 21.12 -7.38 9.26
CA VAL B 66 21.05 -8.61 8.46
C VAL B 66 22.40 -9.25 8.10
N LYS B 67 23.48 -8.80 8.74
CA LYS B 67 24.82 -9.36 8.52
C LYS B 67 24.93 -10.83 8.95
N GLY B 68 25.37 -11.68 8.03
CA GLY B 68 25.56 -13.10 8.29
C GLY B 68 24.31 -13.95 8.06
N ARG B 69 23.17 -13.29 7.89
CA ARG B 69 21.92 -14.00 7.67
C ARG B 69 21.47 -13.90 6.23
N PHE B 70 21.70 -12.74 5.61
CA PHE B 70 21.33 -12.50 4.21
C PHE B 70 22.59 -12.40 3.34
N THR B 71 22.44 -12.77 2.07
CA THR B 71 23.54 -12.76 1.12
C THR B 71 23.10 -12.12 -0.19
N ILE B 72 23.84 -11.11 -0.64
CA ILE B 72 23.62 -10.55 -1.97
C ILE B 72 24.66 -11.08 -2.95
N SER B 73 24.17 -11.48 -4.12
CA SER B 73 25.03 -12.02 -5.19
C SER B 73 24.46 -11.58 -6.55
N ARG B 74 25.25 -11.75 -7.61
CA ARG B 74 24.83 -11.28 -8.92
C ARG B 74 25.26 -12.19 -10.06
N ASP B 75 24.38 -12.31 -11.06
CA ASP B 75 24.69 -12.98 -12.30
C ASP B 75 24.87 -11.90 -13.34
N ASN B 76 26.13 -11.57 -13.61
CA ASN B 76 26.48 -10.45 -14.48
C ASN B 76 26.21 -10.70 -15.97
N SER B 77 26.25 -11.97 -16.37
CA SER B 77 25.98 -12.34 -17.75
C SER B 77 24.49 -12.23 -18.08
N GLN B 78 23.66 -12.25 -17.05
CA GLN B 78 22.22 -12.07 -17.22
C GLN B 78 21.63 -10.78 -16.64
N SER B 79 22.44 -10.04 -15.89
CA SER B 79 22.03 -8.75 -15.34
C SER B 79 20.98 -8.90 -14.23
N ILE B 80 21.12 -9.97 -13.45
CA ILE B 80 20.24 -10.20 -12.30
C ILE B 80 21.04 -9.96 -11.03
N VAL B 81 20.43 -9.33 -10.05
CA VAL B 81 20.95 -9.36 -8.69
C VAL B 81 19.99 -10.15 -7.81
N TYR B 82 20.56 -10.86 -6.84
CA TYR B 82 19.81 -11.73 -5.92
C TYR B 82 19.96 -11.30 -4.47
N LEU B 83 19.02 -11.77 -3.64
CA LEU B 83 19.11 -11.65 -2.18
C LEU B 83 18.67 -12.98 -1.56
N GLN B 84 19.64 -13.68 -0.99
CA GLN B 84 19.41 -14.97 -0.36
C GLN B 84 19.18 -14.74 1.12
N MET B 85 18.03 -15.18 1.62
CA MET B 85 17.63 -14.96 2.99
C MET B 85 17.46 -16.29 3.71
N ASN B 86 18.13 -16.44 4.85
CA ASN B 86 18.06 -17.69 5.62
C ASN B 86 17.54 -17.44 7.02
N THR B 87 16.94 -18.47 7.62
CA THR B 87 16.47 -18.42 9.01
C THR B 87 15.43 -17.30 9.17
N LEU B 88 14.45 -17.29 8.28
CA LEU B 88 13.43 -16.25 8.29
C LEU B 88 12.60 -16.23 9.57
N ARG B 89 12.25 -15.04 10.01
CA ARG B 89 11.33 -14.89 11.13
C ARG B 89 10.19 -13.89 10.82
N ALA B 90 9.23 -13.81 11.74
CA ALA B 90 8.10 -12.90 11.65
C ALA B 90 8.54 -11.53 11.16
N GLU B 91 9.46 -10.90 11.90
CA GLU B 91 9.92 -9.54 11.61
C GLU B 91 10.48 -9.33 10.18
N ASP B 92 10.81 -10.43 9.50
CA ASP B 92 11.34 -10.29 8.15
C ASP B 92 10.24 -10.12 7.12
N SER B 93 8.99 -10.29 7.54
CA SER B 93 7.83 -10.09 6.67
C SER B 93 7.75 -8.65 6.12
N ALA B 94 7.98 -8.48 4.82
CA ALA B 94 8.02 -7.13 4.25
C ALA B 94 7.84 -7.16 2.75
N THR B 95 7.70 -5.98 2.17
CA THR B 95 7.97 -5.82 0.75
C THR B 95 9.46 -5.57 0.58
N TYR B 96 10.05 -6.30 -0.36
CA TYR B 96 11.50 -6.26 -0.63
C TYR B 96 11.74 -5.63 -1.99
N TYR B 97 12.52 -4.56 -2.02
CA TYR B 97 12.86 -3.85 -3.25
C TYR B 97 14.35 -3.98 -3.60
N CYS B 98 14.66 -4.10 -4.89
CA CYS B 98 16.02 -3.85 -5.35
C CYS B 98 16.07 -2.43 -5.95
N ALA B 99 17.24 -1.79 -5.90
CA ALA B 99 17.39 -0.47 -6.50
C ALA B 99 18.77 -0.28 -7.09
N ARG B 100 18.86 0.42 -8.22
CA ARG B 100 20.16 0.74 -8.77
C ARG B 100 20.88 1.68 -7.79
N ASP B 101 22.06 1.27 -7.34
CA ASP B 101 22.86 2.10 -6.46
C ASP B 101 23.85 2.88 -7.35
N ILE B 102 25.02 3.24 -6.82
CA ILE B 102 25.93 4.09 -7.56
C ILE B 102 26.55 3.41 -8.80
N GLY B 103 26.87 4.26 -9.77
CA GLY B 103 27.46 3.84 -11.03
C GLY B 103 27.55 5.06 -11.91
N TYR B 104 28.65 5.12 -12.69
CA TYR B 104 29.02 6.30 -13.48
C TYR B 104 28.95 7.54 -12.57
N GLY B 105 28.59 8.71 -13.06
CA GLY B 105 28.59 9.80 -12.05
C GLY B 105 27.32 9.88 -11.20
N ASN B 106 26.51 8.84 -11.31
CA ASN B 106 25.12 8.86 -10.94
C ASN B 106 24.71 8.63 -9.49
N SER B 107 23.58 9.21 -9.14
CA SER B 107 22.99 9.09 -7.83
C SER B 107 22.32 7.75 -7.65
N PRO B 108 22.49 7.17 -6.47
CA PRO B 108 21.89 5.89 -6.11
C PRO B 108 20.40 5.98 -5.82
N PHE B 109 19.66 4.91 -6.08
CA PHE B 109 18.24 4.84 -5.76
C PHE B 109 17.32 5.67 -6.65
N ALA B 110 17.79 6.05 -7.83
CA ALA B 110 16.94 6.67 -8.84
C ALA B 110 15.92 5.68 -9.40
N TYR B 111 16.34 4.43 -9.55
CA TYR B 111 15.51 3.38 -10.12
C TYR B 111 15.25 2.23 -9.15
N TRP B 112 13.99 1.82 -9.05
CA TRP B 112 13.55 0.82 -8.09
C TRP B 112 12.73 -0.23 -8.81
N GLY B 113 12.71 -1.44 -8.27
CA GLY B 113 11.81 -2.48 -8.74
C GLY B 113 10.45 -2.23 -8.14
N GLN B 114 9.43 -2.91 -8.66
CA GLN B 114 8.06 -2.78 -8.16
C GLN B 114 7.90 -3.40 -6.77
N GLY B 115 8.89 -4.21 -6.39
CA GLY B 115 8.91 -4.84 -5.08
C GLY B 115 8.17 -6.16 -5.08
N THR B 116 8.47 -7.00 -4.11
CA THR B 116 7.84 -8.30 -4.00
C THR B 116 7.57 -8.55 -2.53
N LEU B 117 6.40 -9.11 -2.22
CA LEU B 117 6.02 -9.30 -0.82
C LEU B 117 6.47 -10.66 -0.28
N VAL B 118 7.28 -10.64 0.78
CA VAL B 118 7.67 -11.86 1.43
C VAL B 118 6.85 -11.96 2.71
N THR B 119 6.30 -13.15 2.96
CA THR B 119 5.55 -13.42 4.17
C THR B 119 6.12 -14.64 4.87
N VAL B 120 6.37 -14.52 6.17
CA VAL B 120 6.86 -15.67 6.92
C VAL B 120 5.82 -16.11 7.94
N SER B 121 5.18 -17.26 7.70
CA SER B 121 4.23 -17.82 8.65
C SER B 121 3.99 -19.31 8.47
N ALA B 122 3.51 -19.93 9.54
CA ALA B 122 3.15 -21.34 9.55
C ALA B 122 1.89 -21.63 8.75
N ALA B 123 1.08 -20.61 8.57
CA ALA B 123 -0.22 -20.75 7.90
C ALA B 123 -0.12 -21.19 6.47
N SER B 124 -1.11 -21.96 6.05
CA SER B 124 -1.22 -22.55 4.72
C SER B 124 -1.68 -21.59 3.64
N ILE B 125 -1.52 -21.99 2.38
CA ILE B 125 -1.97 -21.17 1.28
C ILE B 125 -3.41 -21.52 0.96
N THR B 126 -4.28 -20.54 1.09
CA THR B 126 -5.71 -20.68 0.84
C THR B 126 -6.18 -19.74 -0.28
N PRO B 127 -6.95 -20.27 -1.27
CA PRO B 127 -7.51 -19.42 -2.32
C PRO B 127 -8.62 -18.53 -1.80
N PRO B 128 -8.87 -17.39 -2.46
CA PRO B 128 -9.96 -16.56 -1.98
C PRO B 128 -11.30 -17.06 -2.48
N SER B 129 -12.36 -16.77 -1.73
CA SER B 129 -13.71 -16.90 -2.24
C SER B 129 -14.12 -15.51 -2.67
N VAL B 130 -14.60 -15.39 -3.90
CA VAL B 130 -14.89 -14.08 -4.45
C VAL B 130 -16.39 -13.89 -4.66
N TYR B 131 -16.96 -12.96 -3.91
CA TYR B 131 -18.40 -12.76 -3.93
C TYR B 131 -18.81 -11.40 -4.50
N PRO B 132 -19.86 -11.39 -5.33
CA PRO B 132 -20.36 -10.14 -5.87
C PRO B 132 -21.17 -9.36 -4.84
N LEU B 133 -21.01 -8.04 -4.84
CA LEU B 133 -21.81 -7.16 -4.00
C LEU B 133 -22.73 -6.33 -4.86
N ALA B 134 -24.01 -6.69 -4.81
CA ALA B 134 -25.05 -6.01 -5.57
C ALA B 134 -25.95 -5.28 -4.59
N PRO B 135 -26.62 -4.20 -5.04
CA PRO B 135 -27.50 -3.37 -4.20
C PRO B 135 -28.78 -4.05 -3.62
N GLY B 136 -29.71 -3.23 -3.12
CA GLY B 136 -30.96 -3.74 -2.51
C GLY B 136 -32.20 -3.43 -3.32
N SER B 143 -28.95 8.24 -8.96
CA SER B 143 -28.10 8.86 -9.97
C SER B 143 -26.80 8.12 -10.23
N MET B 144 -26.16 7.66 -9.15
CA MET B 144 -24.95 6.87 -9.26
C MET B 144 -25.10 5.63 -8.42
N VAL B 145 -24.42 4.56 -8.83
CA VAL B 145 -24.61 3.30 -8.18
C VAL B 145 -23.28 2.67 -7.77
N THR B 146 -23.23 2.15 -6.55
CA THR B 146 -22.03 1.57 -6.00
C THR B 146 -22.18 0.05 -5.92
N LEU B 147 -21.26 -0.64 -6.57
CA LEU B 147 -21.19 -2.10 -6.62
C LEU B 147 -19.90 -2.45 -5.94
N GLY B 148 -19.73 -3.72 -5.56
CA GLY B 148 -18.47 -4.18 -4.97
C GLY B 148 -18.13 -5.66 -5.16
N CYS B 149 -16.91 -6.02 -4.75
CA CYS B 149 -16.53 -7.42 -4.62
C CYS B 149 -15.87 -7.69 -3.27
N LEU B 150 -16.37 -8.70 -2.56
CA LEU B 150 -15.74 -9.17 -1.34
C LEU B 150 -14.85 -10.33 -1.67
N VAL B 151 -13.63 -10.29 -1.14
CA VAL B 151 -12.59 -11.25 -1.47
C VAL B 151 -12.15 -11.83 -0.14
N LYS B 152 -12.68 -13.00 0.19
CA LYS B 152 -12.64 -13.51 1.56
C LYS B 152 -11.83 -14.78 1.71
N GLY B 153 -11.21 -14.94 2.87
CA GLY B 153 -10.55 -16.17 3.25
C GLY B 153 -9.34 -16.60 2.45
N TYR B 154 -8.47 -15.66 2.12
CA TYR B 154 -7.24 -15.99 1.38
C TYR B 154 -5.94 -15.80 2.18
N PHE B 155 -4.87 -16.46 1.71
CA PHE B 155 -3.53 -16.36 2.29
C PHE B 155 -2.47 -16.87 1.30
N PRO B 156 -1.29 -16.21 1.24
CA PRO B 156 -1.01 -14.93 1.88
C PRO B 156 -1.39 -13.82 0.91
N GLU B 157 -1.10 -12.58 1.29
CA GLU B 157 -1.16 -11.46 0.37
C GLU B 157 -0.07 -11.69 -0.71
N PRO B 158 -0.20 -11.08 -1.90
CA PRO B 158 -1.22 -10.15 -2.37
C PRO B 158 -2.33 -10.77 -3.21
N VAL B 159 -3.46 -10.07 -3.30
CA VAL B 159 -4.39 -10.26 -4.40
C VAL B 159 -4.36 -8.99 -5.22
N THR B 160 -4.76 -9.07 -6.48
CA THR B 160 -5.02 -7.85 -7.22
C THR B 160 -6.45 -7.84 -7.75
N VAL B 161 -7.07 -6.66 -7.75
CA VAL B 161 -8.44 -6.50 -8.22
C VAL B 161 -8.53 -5.40 -9.27
N THR B 162 -9.09 -5.74 -10.42
CA THR B 162 -9.49 -4.75 -11.43
C THR B 162 -10.97 -4.90 -11.77
N TRP B 163 -11.53 -3.90 -12.42
CA TRP B 163 -12.90 -3.92 -12.88
C TRP B 163 -12.95 -3.75 -14.39
N ASN B 164 -13.76 -4.56 -15.05
CA ASN B 164 -13.83 -4.65 -16.52
C ASN B 164 -12.45 -4.75 -17.19
N SER B 165 -11.60 -5.56 -16.57
CA SER B 165 -10.25 -5.84 -17.06
C SER B 165 -9.36 -4.59 -17.17
N GLY B 166 -9.74 -3.52 -16.45
CA GLY B 166 -8.96 -2.30 -16.45
C GLY B 166 -9.69 -1.10 -17.05
N SER B 167 -10.79 -1.34 -17.74
CA SER B 167 -11.53 -0.25 -18.41
C SER B 167 -12.18 0.68 -17.39
N LEU B 168 -12.50 0.15 -16.21
CA LEU B 168 -13.03 0.97 -15.11
C LEU B 168 -11.95 1.16 -14.07
N SER B 169 -11.61 2.41 -13.76
CA SER B 169 -10.46 2.70 -12.92
C SER B 169 -10.72 3.83 -11.93
N SER B 170 -11.40 4.87 -12.40
CA SER B 170 -11.87 5.92 -11.52
C SER B 170 -13.21 5.46 -10.93
N GLY B 171 -13.55 5.97 -9.76
CA GLY B 171 -14.69 5.46 -9.01
C GLY B 171 -14.41 4.12 -8.34
N VAL B 172 -13.15 3.69 -8.32
CA VAL B 172 -12.74 2.45 -7.68
C VAL B 172 -12.05 2.76 -6.34
N HIS B 173 -12.40 2.00 -5.31
CA HIS B 173 -11.74 2.02 -4.03
C HIS B 173 -11.48 0.56 -3.65
N THR B 174 -10.23 0.13 -3.79
CA THR B 174 -9.82 -1.17 -3.30
C THR B 174 -9.18 -0.99 -1.92
N PHE B 175 -9.81 -1.56 -0.91
CA PHE B 175 -9.38 -1.39 0.46
C PHE B 175 -8.25 -2.34 0.83
N PRO B 176 -7.34 -1.91 1.72
CA PRO B 176 -6.30 -2.81 2.22
C PRO B 176 -6.89 -4.03 2.96
N ALA B 177 -6.25 -5.18 2.79
CA ALA B 177 -6.70 -6.43 3.42
C ALA B 177 -6.61 -6.37 4.94
N VAL B 178 -7.48 -7.12 5.61
CA VAL B 178 -7.42 -7.25 7.07
C VAL B 178 -7.24 -8.72 7.42
N LEU B 179 -6.40 -8.97 8.41
CA LEU B 179 -6.16 -10.33 8.89
C LEU B 179 -7.19 -10.69 9.95
N GLN B 180 -7.84 -11.84 9.73
CA GLN B 180 -8.72 -12.46 10.72
C GLN B 180 -8.31 -13.91 10.88
N SER B 181 -7.64 -14.19 12.01
CA SER B 181 -7.26 -15.56 12.40
C SER B 181 -6.71 -16.35 11.20
N ASP B 182 -5.47 -16.03 10.81
CA ASP B 182 -4.80 -16.72 9.69
C ASP B 182 -5.30 -16.37 8.29
N LEU B 183 -6.44 -15.71 8.18
CA LEU B 183 -7.01 -15.43 6.87
C LEU B 183 -7.23 -13.95 6.58
N TYR B 184 -6.98 -13.56 5.33
CA TYR B 184 -7.16 -12.17 4.87
C TYR B 184 -8.52 -11.96 4.25
N THR B 185 -9.08 -10.77 4.48
CA THR B 185 -10.31 -10.34 3.85
C THR B 185 -10.17 -8.94 3.27
N LEU B 186 -10.59 -8.80 2.02
CA LEU B 186 -10.46 -7.56 1.31
C LEU B 186 -11.73 -7.32 0.53
N SER B 187 -12.03 -6.05 0.29
CA SER B 187 -13.19 -5.66 -0.51
C SER B 187 -12.77 -4.58 -1.48
N SER B 188 -13.35 -4.63 -2.67
CA SER B 188 -13.23 -3.52 -3.63
C SER B 188 -14.59 -2.95 -3.94
N SER B 189 -14.61 -1.69 -4.34
CA SER B 189 -15.82 -0.93 -4.48
C SER B 189 -15.76 -0.11 -5.77
N VAL B 190 -16.85 -0.07 -6.53
CA VAL B 190 -16.90 0.77 -7.76
C VAL B 190 -18.18 1.59 -7.89
N THR B 191 -18.04 2.87 -8.17
CA THR B 191 -19.20 3.73 -8.38
C THR B 191 -19.33 4.14 -9.84
N VAL B 192 -20.48 3.81 -10.44
CA VAL B 192 -20.73 4.12 -11.86
C VAL B 192 -22.08 4.81 -12.02
N PRO B 193 -22.31 5.48 -13.17
CA PRO B 193 -23.62 6.13 -13.31
C PRO B 193 -24.70 5.09 -13.55
N SER B 194 -25.86 5.28 -12.93
CA SER B 194 -26.94 4.28 -12.95
C SER B 194 -27.58 4.10 -14.33
N SER B 195 -27.38 5.10 -15.20
CA SER B 195 -27.67 5.04 -16.63
C SER B 195 -26.80 4.03 -17.42
N THR B 196 -25.95 3.28 -16.73
CA THR B 196 -25.07 2.35 -17.41
C THR B 196 -25.07 1.01 -16.68
N TRP B 197 -25.94 0.90 -15.68
CA TRP B 197 -26.09 -0.34 -14.96
C TRP B 197 -27.53 -0.60 -14.55
N PRO B 198 -28.01 -1.83 -14.83
CA PRO B 198 -27.24 -2.94 -15.41
C PRO B 198 -27.15 -2.99 -16.95
N SER B 199 -27.50 -1.89 -17.61
CA SER B 199 -27.50 -1.81 -19.08
C SER B 199 -26.20 -2.32 -19.70
N GLU B 200 -25.07 -1.72 -19.32
CA GLU B 200 -23.75 -2.26 -19.65
C GLU B 200 -23.20 -3.00 -18.44
N THR B 201 -22.52 -4.13 -18.69
CA THR B 201 -22.09 -5.01 -17.59
C THR B 201 -20.91 -4.48 -16.79
N VAL B 202 -20.75 -5.00 -15.55
CA VAL B 202 -19.64 -4.63 -14.65
C VAL B 202 -19.10 -5.88 -13.98
N THR B 203 -17.81 -6.15 -14.16
CA THR B 203 -17.20 -7.39 -13.69
C THR B 203 -15.88 -7.13 -12.95
N CYS B 204 -15.73 -7.72 -11.76
CA CYS B 204 -14.49 -7.60 -11.02
C CYS B 204 -13.57 -8.78 -11.32
N ASN B 205 -12.28 -8.47 -11.49
CA ASN B 205 -11.29 -9.48 -11.82
C ASN B 205 -10.30 -9.58 -10.66
N VAL B 206 -10.31 -10.74 -10.03
CA VAL B 206 -9.54 -10.94 -8.82
C VAL B 206 -8.47 -11.94 -9.16
N ALA B 207 -7.25 -11.66 -8.70
CA ALA B 207 -6.15 -12.56 -8.95
C ALA B 207 -5.45 -12.87 -7.66
N HIS B 208 -5.12 -14.14 -7.49
CA HIS B 208 -4.32 -14.62 -6.39
C HIS B 208 -3.21 -15.42 -7.03
N PRO B 209 -2.01 -14.82 -7.12
CA PRO B 209 -0.95 -15.57 -7.78
C PRO B 209 -0.46 -16.71 -6.91
N ALA B 210 -0.48 -16.53 -5.58
CA ALA B 210 0.01 -17.55 -4.65
C ALA B 210 -0.74 -18.89 -4.73
N SER B 211 -1.79 -18.97 -5.55
CA SER B 211 -2.58 -20.19 -5.73
C SER B 211 -3.21 -20.24 -7.12
N SER B 212 -2.57 -19.59 -8.08
CA SER B 212 -2.95 -19.66 -9.50
C SER B 212 -4.43 -19.38 -9.75
N THR B 213 -5.05 -18.64 -8.83
CA THR B 213 -6.46 -18.28 -8.95
C THR B 213 -6.63 -16.98 -9.75
N LYS B 214 -7.61 -17.00 -10.65
CA LYS B 214 -7.99 -15.83 -11.41
C LYS B 214 -9.49 -15.95 -11.63
N VAL B 215 -10.28 -15.11 -10.96
CA VAL B 215 -11.73 -15.24 -10.96
C VAL B 215 -12.38 -13.95 -11.45
N ASP B 216 -13.44 -14.08 -12.24
CA ASP B 216 -14.23 -12.93 -12.67
C ASP B 216 -15.63 -13.02 -12.07
N LYS B 217 -16.11 -11.95 -11.46
CA LYS B 217 -17.49 -11.95 -10.96
C LYS B 217 -18.30 -10.85 -11.61
N LYS B 218 -19.24 -11.27 -12.45
CA LYS B 218 -20.22 -10.35 -13.02
C LYS B 218 -21.11 -9.88 -11.87
N ILE B 219 -21.27 -8.56 -11.77
CA ILE B 219 -22.14 -7.98 -10.76
C ILE B 219 -23.57 -7.94 -11.30
N VAL B 220 -24.35 -8.90 -10.81
CA VAL B 220 -25.72 -9.13 -11.26
C VAL B 220 -26.71 -8.56 -10.22
N PRO B 221 -27.71 -7.77 -10.67
CA PRO B 221 -28.75 -7.25 -9.75
C PRO B 221 -29.47 -8.36 -8.98
N ARG B 222 -30.14 -8.00 -7.88
CA ARG B 222 -30.95 -8.95 -7.12
C ARG B 222 -32.40 -8.90 -7.59
N2 Z9M C . 36.41 14.73 -5.09
P1 Z9M C . 33.85 13.84 -0.39
O6 Z9M C . 32.80 9.85 -4.09
O1 Z9M C . 35.02 12.96 -6.87
O3 Z9M C . 35.09 15.13 -2.69
C1 Z9M C . 35.10 12.75 -5.48
O4 Z9M C . 33.85 12.82 -1.54
C2 Z9M C . 35.14 14.08 -4.76
O5 Z9M C . 33.93 12.04 -5.09
C3 Z9M C . 35.16 13.85 -3.28
O9 Z9M C . 34.04 12.99 0.86
C4 Z9M C . 33.90 13.09 -2.93
O7 Z9M C . 34.84 14.91 -0.42
C5 Z9M C . 33.90 11.78 -3.69
O8 Z9M C . 32.38 14.40 -0.25
C6 Z9M C . 32.64 11.03 -3.37
C1 KDO C . 31.73 8.76 -2.23
O1A KDO C . 32.77 8.50 -1.62
O1B KDO C . 30.60 8.83 -1.73
C2 KDO C . 31.81 8.98 -3.72
C3 KDO C . 32.06 7.65 -4.43
C4 KDO C . 32.02 7.82 -5.94
O4 KDO C . 32.24 6.59 -6.66
C5 KDO C . 30.68 8.41 -6.26
O5 KDO C . 29.70 7.50 -5.84
C6 KDO C . 30.52 9.71 -5.49
O6 KDO C . 30.60 9.52 -4.09
C7 KDO C . 29.22 10.39 -5.82
O7 KDO C . 29.01 10.43 -7.21
C8 KDO C . 29.22 11.79 -5.23
O8 KDO C . 28.03 12.44 -5.56
C1 KDO C . 34.34 7.35 -7.42
O1A KDO C . 35.20 7.90 -6.71
O1B KDO C . 34.02 7.67 -8.57
C2 KDO C . 33.59 6.21 -6.81
C3 KDO C . 33.60 5.00 -7.73
C4 KDO C . 32.80 3.89 -7.12
O4 KDO C . 32.93 2.78 -7.99
C5 KDO C . 33.51 3.59 -5.82
O5 KDO C . 34.82 3.14 -6.04
C6 KDO C . 33.51 4.82 -4.94
O6 KDO C . 34.16 5.89 -5.57
C7 KDO C . 34.22 4.59 -3.62
O7 KDO C . 35.59 4.40 -3.87
C8 KDO C . 33.70 3.44 -2.77
O8 KDO C . 32.40 3.83 -2.63
C1 KDO C . 32.06 1.82 -1.39
O1A KDO C . 32.01 1.36 -0.26
O1B KDO C . 32.26 1.19 -2.43
C2 KDO C . 31.81 3.30 -1.51
C3 KDO C . 30.32 3.59 -1.59
C4 KDO C . 30.16 5.08 -1.64
O4 KDO C . 28.79 5.43 -1.84
C5 KDO C . 30.76 5.72 -0.42
O5 KDO C . 30.17 5.18 0.74
C6 KDO C . 32.23 5.35 -0.42
O6 KDO C . 32.40 3.94 -0.41
C7 KDO C . 32.90 5.98 0.81
O7 KDO C . 32.74 7.38 0.77
C8 KDO C . 34.38 5.68 0.84
O8 KDO C . 35.00 6.21 -0.31
#